data_2BZS
#
_entry.id   2BZS
#
_cell.length_a   80.830
_cell.length_b   106.110
_cell.length_c   61.650
_cell.angle_alpha   90.00
_cell.angle_beta   90.00
_cell.angle_gamma   90.00
#
_symmetry.space_group_name_H-M   'P 21 21 21'
#
loop_
_entity.id
_entity.type
_entity.pdbx_description
1 polymer 'NRH DEHYDROGENASE [QUINONE] 2'
2 non-polymer 'ZINC ION'
3 non-polymer 'FLAVIN-ADENINE DINUCLEOTIDE'
4 non-polymer 5-(AZIRIDIN-1-YL)-2,4-DINITROBENZAMIDE
5 water water
#
_entity_poly.entity_id   1
_entity_poly.type   'polypeptide(L)'
_entity_poly.pdbx_seq_one_letter_code
;CHAINAAGKKVLIVYAHQEPKSFNGSLKNVAVDELSRQGCTVTVSDLYAMNFEPRATDKDITGTLSNPEVFNYGVETHEA
YKQRSLASDITDEQKKVREADLVIFQFPLYWFSVPAILKGWMDRVLCQGFAFDIPGFYDSGLLQGKLALLSVTTGGTAEM
YTKTGVNGDSRYFLWPLQHGTLHFCGFKVLAPQISFAPEIASEEERKGMVAAWSQRLQTIWKEEPIPCTAHWHFGQ
;
_entity_poly.pdbx_strand_id   A,B
#
loop_
_chem_comp.id
_chem_comp.type
_chem_comp.name
_chem_comp.formula
CB1 non-polymer 5-(AZIRIDIN-1-YL)-2,4-DINITROBENZAMIDE 'C9 H8 N4 O5'
FAD non-polymer 'FLAVIN-ADENINE DINUCLEOTIDE' 'C27 H33 N9 O15 P2'
ZN non-polymer 'ZINC ION' 'Zn 2'
#
# COMPACT_ATOMS: atom_id res chain seq x y z
N ALA A 7 -28.89 -14.49 -14.25
CA ALA A 7 -28.67 -13.73 -15.51
C ALA A 7 -28.24 -12.32 -15.12
N GLY A 8 -27.70 -11.58 -16.09
CA GLY A 8 -26.94 -10.39 -15.80
C GLY A 8 -25.64 -10.69 -15.08
N LYS A 9 -24.85 -9.65 -14.82
CA LYS A 9 -23.90 -9.65 -13.71
C LYS A 9 -23.87 -8.31 -13.00
N LYS A 10 -23.39 -8.31 -11.76
CA LYS A 10 -23.21 -7.07 -11.01
C LYS A 10 -21.71 -6.69 -10.92
N VAL A 11 -21.41 -5.41 -11.09
CA VAL A 11 -20.02 -4.90 -11.06
C VAL A 11 -19.89 -3.82 -9.97
N LEU A 12 -18.82 -3.90 -9.17
CA LEU A 12 -18.49 -2.81 -8.25
C LEU A 12 -17.20 -2.22 -8.82
N ILE A 13 -17.15 -0.92 -9.02
CA ILE A 13 -15.93 -0.22 -9.37
C ILE A 13 -15.52 0.54 -8.13
N VAL A 14 -14.36 0.20 -7.60
CA VAL A 14 -13.82 0.91 -6.43
C VAL A 14 -12.83 1.88 -7.04
N TYR A 15 -13.11 3.16 -6.91
CA TYR A 15 -12.46 4.21 -7.69
C TYR A 15 -11.67 5.20 -6.79
N ALA A 16 -10.39 5.43 -7.10
CA ALA A 16 -9.57 6.25 -6.21
C ALA A 16 -8.83 7.36 -6.96
N HIS A 17 -9.52 8.46 -7.22
CA HIS A 17 -8.89 9.62 -7.86
C HIS A 17 -9.67 10.81 -7.43
N GLN A 18 -8.99 11.93 -7.19
CA GLN A 18 -9.57 13.09 -6.54
C GLN A 18 -10.37 13.96 -7.54
N GLU A 19 -10.10 13.78 -8.85
CA GLU A 19 -10.53 14.74 -9.89
C GLU A 19 -11.36 14.04 -10.97
N PRO A 20 -12.68 14.30 -11.05
CA PRO A 20 -13.52 13.69 -12.09
C PRO A 20 -13.06 13.91 -13.56
N LYS A 21 -12.40 15.03 -13.81
CA LYS A 21 -11.91 15.38 -15.13
C LYS A 21 -10.59 14.70 -15.47
N SER A 22 -10.06 13.92 -14.55
CA SER A 22 -8.80 13.23 -14.76
C SER A 22 -8.96 12.09 -15.77
N PHE A 23 -7.86 11.58 -16.26
CA PHE A 23 -7.82 10.41 -17.09
C PHE A 23 -8.43 9.21 -16.32
N ASN A 24 -8.09 9.08 -15.03
CA ASN A 24 -8.71 8.01 -14.23
C ASN A 24 -10.24 8.11 -14.25
N GLY A 25 -10.74 9.35 -14.12
CA GLY A 25 -12.18 9.69 -14.17
C GLY A 25 -12.83 9.25 -15.49
N SER A 26 -12.10 9.41 -16.60
CA SER A 26 -12.62 8.99 -17.91
C SER A 26 -12.68 7.49 -18.01
N LEU A 27 -11.68 6.80 -17.48
CA LEU A 27 -11.65 5.35 -17.48
C LEU A 27 -12.80 4.80 -16.63
N LYS A 28 -13.03 5.40 -15.47
CA LYS A 28 -14.19 5.05 -14.65
C LYS A 28 -15.55 5.29 -15.37
N ASN A 29 -15.69 6.46 -15.99
CA ASN A 29 -16.91 6.82 -16.65
C ASN A 29 -17.19 5.96 -17.88
N VAL A 30 -16.16 5.64 -18.64
CA VAL A 30 -16.33 4.70 -19.74
C VAL A 30 -16.69 3.29 -19.25
N ALA A 31 -16.13 2.87 -18.13
CA ALA A 31 -16.56 1.57 -17.56
C ALA A 31 -18.04 1.58 -17.18
N VAL A 32 -18.49 2.57 -16.42
CA VAL A 32 -19.90 2.67 -16.09
C VAL A 32 -20.77 2.70 -17.36
N ASP A 33 -20.49 3.62 -18.30
CA ASP A 33 -21.15 3.66 -19.64
C ASP A 33 -21.29 2.31 -20.33
N GLU A 34 -20.19 1.60 -20.53
CA GLU A 34 -20.17 0.37 -21.29
C GLU A 34 -20.84 -0.82 -20.54
N LEU A 35 -20.61 -0.93 -19.25
CA LEU A 35 -21.15 -2.06 -18.50
C LEU A 35 -22.65 -1.86 -18.38
N SER A 36 -23.02 -0.61 -18.21
CA SER A 36 -24.38 -0.18 -18.19
C SER A 36 -25.14 -0.53 -19.49
N ARG A 37 -24.51 -0.20 -20.63
CA ARG A 37 -25.04 -0.45 -21.95
C ARG A 37 -25.28 -1.95 -22.10
N GLN A 38 -24.41 -2.75 -21.51
CA GLN A 38 -24.54 -4.22 -21.56
C GLN A 38 -25.73 -4.75 -20.72
N GLY A 39 -26.26 -3.91 -19.86
CA GLY A 39 -27.32 -4.29 -18.94
C GLY A 39 -26.86 -4.82 -17.59
N CYS A 40 -25.58 -4.65 -17.29
CA CYS A 40 -25.04 -4.98 -15.96
C CYS A 40 -25.58 -4.05 -14.90
N THR A 41 -25.61 -4.53 -13.66
CA THR A 41 -25.88 -3.66 -12.54
C THR A 41 -24.53 -3.03 -12.15
N VAL A 42 -24.47 -1.71 -11.98
CA VAL A 42 -23.17 -1.07 -11.71
C VAL A 42 -23.25 -0.16 -10.52
N THR A 43 -22.22 -0.24 -9.67
CA THR A 43 -22.07 0.60 -8.45
C THR A 43 -20.62 1.06 -8.42
N VAL A 44 -20.40 2.35 -8.17
CA VAL A 44 -19.08 2.93 -8.02
C VAL A 44 -18.95 3.39 -6.56
N SER A 45 -17.83 3.02 -5.93
CA SER A 45 -17.43 3.54 -4.62
C SER A 45 -16.33 4.54 -4.89
N ASP A 46 -16.71 5.81 -4.92
CA ASP A 46 -15.81 6.90 -5.28
C ASP A 46 -15.17 7.34 -3.96
N LEU A 47 -14.00 6.77 -3.65
CA LEU A 47 -13.44 6.89 -2.29
C LEU A 47 -13.27 8.32 -1.81
N TYR A 48 -12.64 9.13 -2.64
CA TYR A 48 -12.35 10.51 -2.27
C TYR A 48 -13.64 11.34 -2.06
N ALA A 49 -14.63 11.14 -2.93
CA ALA A 49 -15.92 11.86 -2.72
C ALA A 49 -16.65 11.37 -1.49
N MET A 50 -16.45 10.12 -1.07
CA MET A 50 -17.03 9.59 0.16
C MET A 50 -16.26 9.99 1.43
N ASN A 51 -15.10 10.59 1.23
CA ASN A 51 -14.14 10.89 2.29
C ASN A 51 -13.91 9.60 3.07
N PHE A 52 -13.68 8.51 2.34
CA PHE A 52 -13.61 7.19 2.95
C PHE A 52 -12.45 7.14 3.94
N GLU A 53 -12.71 6.56 5.12
CA GLU A 53 -11.73 6.51 6.22
C GLU A 53 -10.72 5.42 5.97
N PRO A 54 -9.42 5.79 5.78
CA PRO A 54 -8.43 4.76 5.52
C PRO A 54 -7.77 4.08 6.74
N ARG A 55 -7.88 4.69 7.92
CA ARG A 55 -7.13 4.24 9.11
C ARG A 55 -7.91 3.11 9.76
N ALA A 56 -7.19 2.05 10.12
CA ALA A 56 -7.72 0.86 10.79
C ALA A 56 -7.65 1.23 12.29
N THR A 57 -8.80 1.58 12.89
CA THR A 57 -8.83 2.02 14.31
C THR A 57 -9.98 1.40 15.09
N ASP A 58 -9.97 1.57 16.40
CA ASP A 58 -11.04 1.02 17.22
C ASP A 58 -12.40 1.63 16.94
N LYS A 59 -12.42 2.74 16.23
CA LYS A 59 -13.70 3.30 15.78
C LYS A 59 -14.42 2.37 14.77
N ASP A 60 -13.74 1.34 14.26
CA ASP A 60 -14.32 0.45 13.25
C ASP A 60 -15.26 -0.60 13.90
N ILE A 61 -15.22 -0.66 15.23
CA ILE A 61 -16.08 -1.54 16.02
C ILE A 61 -17.11 -0.65 16.77
N THR A 62 -18.37 -1.02 16.59
CA THR A 62 -19.51 -0.35 17.18
C THR A 62 -19.71 -0.89 18.61
N GLY A 63 -19.96 0.02 19.54
CA GLY A 63 -20.18 -0.35 20.93
C GLY A 63 -18.92 -0.82 21.65
N THR A 64 -19.03 -1.94 22.35
CA THR A 64 -18.02 -2.33 23.33
C THR A 64 -17.06 -3.41 22.81
N LEU A 65 -15.75 -3.13 22.94
CA LEU A 65 -14.70 -4.00 22.39
C LEU A 65 -14.59 -5.27 23.20
N SER A 66 -14.06 -6.33 22.61
CA SER A 66 -13.93 -7.59 23.30
C SER A 66 -12.81 -7.57 24.33
N ASN A 67 -11.78 -6.77 24.07
CA ASN A 67 -10.68 -6.58 25.01
C ASN A 67 -10.17 -5.15 24.98
N PRO A 68 -10.80 -4.25 25.71
CA PRO A 68 -10.44 -2.84 25.61
C PRO A 68 -9.11 -2.48 26.28
N GLU A 69 -8.55 -3.37 27.06
CA GLU A 69 -7.26 -3.07 27.68
C GLU A 69 -6.12 -3.09 26.66
N VAL A 70 -6.11 -4.11 25.82
CA VAL A 70 -5.11 -4.29 24.76
C VAL A 70 -5.84 -4.42 23.40
N PHE A 71 -5.79 -3.36 22.59
CA PHE A 71 -6.49 -3.36 21.28
C PHE A 71 -5.77 -4.17 20.20
N ASN A 72 -6.41 -5.25 19.72
CA ASN A 72 -5.91 -6.04 18.58
C ASN A 72 -6.87 -5.86 17.36
N TYR A 73 -6.46 -5.10 16.34
CA TYR A 73 -7.40 -4.74 15.25
C TYR A 73 -8.02 -5.97 14.59
N GLY A 74 -7.18 -6.92 14.23
CA GLY A 74 -7.60 -8.16 13.61
C GLY A 74 -8.65 -8.94 14.41
N VAL A 75 -8.36 -9.23 15.68
CA VAL A 75 -9.28 -9.95 16.54
C VAL A 75 -10.59 -9.17 16.70
N GLU A 76 -10.48 -7.87 16.93
CA GLU A 76 -11.68 -7.10 17.25
C GLU A 76 -12.64 -7.00 16.05
N THR A 77 -12.08 -6.82 14.84
CA THR A 77 -12.90 -6.72 13.62
C THR A 77 -13.43 -8.10 13.24
N HIS A 78 -12.66 -9.17 13.44
CA HIS A 78 -13.19 -10.53 13.22
C HIS A 78 -14.40 -10.83 14.12
N GLU A 79 -14.26 -10.51 15.40
CA GLU A 79 -15.37 -10.64 16.34
C GLU A 79 -16.57 -9.73 16.01
N ALA A 80 -16.33 -8.45 15.68
CA ALA A 80 -17.40 -7.51 15.37
C ALA A 80 -18.13 -7.93 14.09
N TYR A 81 -17.40 -8.55 13.16
CA TYR A 81 -18.04 -9.08 11.99
C TYR A 81 -19.08 -10.16 12.36
N LYS A 82 -18.67 -11.15 13.14
CA LYS A 82 -19.61 -12.16 13.63
C LYS A 82 -20.77 -11.58 14.45
N GLN A 83 -20.52 -10.54 15.23
CA GLN A 83 -21.55 -9.96 16.09
C GLN A 83 -22.35 -8.84 15.43
N ARG A 84 -22.14 -8.62 14.13
CA ARG A 84 -22.74 -7.50 13.40
C ARG A 84 -22.60 -6.14 14.10
N SER A 85 -21.38 -5.87 14.63
CA SER A 85 -21.04 -4.56 15.18
C SER A 85 -19.89 -3.82 14.44
N LEU A 86 -19.73 -4.02 13.14
CA LEU A 86 -18.74 -3.26 12.39
C LEU A 86 -19.32 -1.89 12.04
N ALA A 87 -18.48 -0.86 11.89
CA ALA A 87 -19.01 0.43 11.48
C ALA A 87 -19.77 0.30 10.14
N SER A 88 -20.82 1.09 9.99
CA SER A 88 -21.62 1.04 8.76
C SER A 88 -20.86 1.42 7.49
N ASP A 89 -19.80 2.22 7.58
CA ASP A 89 -19.04 2.50 6.34
C ASP A 89 -18.37 1.24 5.81
N ILE A 90 -17.87 0.40 6.70
CA ILE A 90 -17.35 -0.91 6.31
C ILE A 90 -18.44 -1.87 5.78
N THR A 91 -19.54 -2.00 6.52
CA THR A 91 -20.53 -2.98 6.11
C THR A 91 -21.24 -2.52 4.85
N ASP A 92 -21.33 -1.21 4.63
CA ASP A 92 -21.84 -0.72 3.36
C ASP A 92 -21.00 -1.25 2.20
N GLU A 93 -19.68 -1.25 2.37
CA GLU A 93 -18.82 -1.73 1.27
C GLU A 93 -18.91 -3.24 1.14
N GLN A 94 -19.04 -3.93 2.27
CA GLN A 94 -19.05 -5.39 2.24
C GLN A 94 -20.28 -5.91 1.46
N LYS A 95 -21.40 -5.24 1.67
CA LYS A 95 -22.66 -5.50 0.95
C LYS A 95 -22.40 -5.38 -0.57
N LYS A 96 -21.73 -4.33 -0.99
CA LYS A 96 -21.42 -4.14 -2.43
C LYS A 96 -20.58 -5.22 -3.00
N VAL A 97 -19.56 -5.63 -2.25
CA VAL A 97 -18.66 -6.67 -2.68
C VAL A 97 -19.36 -8.04 -2.69
N ARG A 98 -20.17 -8.29 -1.68
CA ARG A 98 -20.86 -9.55 -1.55
C ARG A 98 -21.71 -9.83 -2.78
N GLU A 99 -22.31 -8.78 -3.30
CA GLU A 99 -23.26 -8.92 -4.38
C GLU A 99 -22.60 -8.89 -5.74
N ALA A 100 -21.37 -8.39 -5.78
CA ALA A 100 -20.66 -8.24 -7.06
C ALA A 100 -20.17 -9.56 -7.63
N ASP A 101 -20.28 -9.70 -8.96
CA ASP A 101 -19.67 -10.79 -9.69
C ASP A 101 -18.25 -10.41 -10.14
N LEU A 102 -18.02 -9.11 -10.34
CA LEU A 102 -16.76 -8.53 -10.76
C LEU A 102 -16.47 -7.27 -9.95
N VAL A 103 -15.27 -7.18 -9.37
CA VAL A 103 -14.85 -5.93 -8.74
C VAL A 103 -13.69 -5.32 -9.53
N ILE A 104 -13.87 -4.10 -10.02
CA ILE A 104 -12.82 -3.38 -10.73
C ILE A 104 -12.21 -2.32 -9.79
N PHE A 105 -10.87 -2.33 -9.70
CA PHE A 105 -10.16 -1.25 -9.01
C PHE A 105 -9.61 -0.28 -10.03
N GLN A 106 -10.00 0.96 -9.90
CA GLN A 106 -9.54 2.00 -10.85
C GLN A 106 -8.71 3.05 -10.06
N PHE A 107 -7.43 3.16 -10.38
CA PHE A 107 -6.53 4.01 -9.59
C PHE A 107 -5.26 4.36 -10.33
N PRO A 108 -4.66 5.51 -9.99
CA PRO A 108 -3.27 5.79 -10.31
C PRO A 108 -2.30 5.04 -9.40
N LEU A 109 -1.22 4.52 -9.97
CA LEU A 109 -0.18 3.83 -9.21
C LEU A 109 0.49 4.86 -8.27
N TYR A 110 0.50 4.60 -6.97
CA TYR A 110 1.18 5.51 -6.03
C TYR A 110 2.20 4.63 -5.37
N TRP A 111 3.48 4.89 -5.62
CA TRP A 111 4.55 4.10 -5.01
C TRP A 111 4.42 2.61 -5.25
N PHE A 112 4.20 2.23 -6.50
CA PHE A 112 4.15 0.83 -6.91
C PHE A 112 3.02 0.06 -6.21
N SER A 113 1.95 0.75 -5.85
CA SER A 113 0.85 0.18 -5.10
C SER A 113 -0.36 1.07 -5.27
N VAL A 114 -1.39 0.87 -4.42
CA VAL A 114 -2.60 1.67 -4.46
C VAL A 114 -2.43 2.92 -3.62
N PRO A 115 -3.13 4.01 -3.99
CA PRO A 115 -3.17 5.17 -3.14
C PRO A 115 -3.71 4.81 -1.73
N ALA A 116 -3.16 5.44 -0.69
CA ALA A 116 -3.53 5.03 0.70
C ALA A 116 -5.03 4.93 0.93
N ILE A 117 -5.84 5.79 0.31
CA ILE A 117 -7.30 5.78 0.59
C ILE A 117 -7.91 4.42 0.17
N LEU A 118 -7.39 3.88 -0.92
CA LEU A 118 -7.75 2.58 -1.44
C LEU A 118 -7.07 1.48 -0.63
N LYS A 119 -5.82 1.70 -0.20
CA LYS A 119 -5.23 0.69 0.71
C LYS A 119 -6.16 0.53 1.91
N GLY A 120 -6.71 1.62 2.39
CA GLY A 120 -7.45 1.50 3.66
C GLY A 120 -8.82 0.85 3.40
N TRP A 121 -9.32 0.96 2.18
CA TRP A 121 -10.46 0.17 1.76
C TRP A 121 -10.19 -1.32 1.94
N MET A 122 -9.09 -1.77 1.37
CA MET A 122 -8.69 -3.17 1.48
C MET A 122 -8.49 -3.58 2.93
N ASP A 123 -7.80 -2.73 3.68
CA ASP A 123 -7.44 -3.01 5.07
C ASP A 123 -8.72 -3.22 5.89
N ARG A 124 -9.65 -2.30 5.75
CA ARG A 124 -10.83 -2.24 6.63
C ARG A 124 -12.02 -3.06 6.10
N VAL A 125 -12.16 -3.14 4.80
CA VAL A 125 -13.29 -3.94 4.21
C VAL A 125 -13.12 -5.47 4.22
N LEU A 126 -11.94 -5.95 3.89
CA LEU A 126 -11.65 -7.35 3.72
C LEU A 126 -11.26 -8.03 5.05
N CYS A 127 -12.18 -8.01 6.02
CA CYS A 127 -11.87 -8.53 7.35
C CYS A 127 -12.07 -10.06 7.38
N GLN A 128 -11.55 -10.68 8.45
CA GLN A 128 -11.70 -12.11 8.64
C GLN A 128 -13.17 -12.43 8.91
N GLY A 129 -13.66 -13.55 8.41
CA GLY A 129 -15.07 -13.81 8.52
C GLY A 129 -15.81 -13.35 7.30
N PHE A 130 -15.42 -12.20 6.74
CA PHE A 130 -16.04 -11.71 5.51
C PHE A 130 -15.32 -12.18 4.25
N ALA A 131 -14.02 -11.84 4.12
CA ALA A 131 -13.24 -12.12 2.89
C ALA A 131 -12.43 -13.42 2.96
N PHE A 132 -12.07 -13.84 4.17
CA PHE A 132 -11.30 -15.06 4.35
C PHE A 132 -11.57 -15.62 5.72
N ASP A 133 -11.19 -16.87 5.93
CA ASP A 133 -11.08 -17.36 7.31
C ASP A 133 -9.88 -18.25 7.38
N ILE A 134 -9.66 -18.81 8.55
CA ILE A 134 -8.55 -19.73 8.72
C ILE A 134 -9.15 -21.01 9.32
N PRO A 135 -9.34 -22.05 8.48
CA PRO A 135 -8.97 -22.17 7.07
C PRO A 135 -9.98 -21.46 6.17
N GLY A 136 -9.68 -21.33 4.88
CA GLY A 136 -10.57 -20.58 3.99
C GLY A 136 -9.84 -19.36 3.41
N PHE A 137 -8.73 -19.60 2.73
CA PHE A 137 -8.02 -18.53 2.05
C PHE A 137 -7.33 -19.09 0.85
N TYR A 138 -6.80 -18.21 0.00
CA TYR A 138 -6.34 -18.55 -1.38
C TYR A 138 -7.51 -19.14 -2.19
N ASP A 139 -7.39 -20.30 -2.84
CA ASP A 139 -8.58 -20.85 -3.58
C ASP A 139 -9.83 -21.17 -2.72
N SER A 140 -9.64 -21.35 -1.41
CA SER A 140 -10.72 -21.48 -0.43
C SER A 140 -11.15 -20.17 0.18
N GLY A 141 -10.66 -19.02 -0.31
CA GLY A 141 -11.10 -17.75 0.24
C GLY A 141 -12.60 -17.54 0.12
N LEU A 142 -13.18 -16.70 0.98
CA LEU A 142 -14.62 -16.60 1.07
C LEU A 142 -15.25 -15.84 -0.08
N LEU A 143 -14.43 -15.17 -0.91
CA LEU A 143 -14.97 -14.40 -2.09
C LEU A 143 -14.81 -15.21 -3.39
N GLN A 144 -14.62 -16.52 -3.22
CA GLN A 144 -14.41 -17.41 -4.32
C GLN A 144 -15.64 -17.42 -5.21
N GLY A 145 -15.42 -17.55 -6.52
CA GLY A 145 -16.47 -17.33 -7.51
C GLY A 145 -16.60 -15.89 -8.02
N LYS A 146 -15.85 -14.96 -7.41
CA LYS A 146 -15.85 -13.56 -7.85
C LYS A 146 -14.64 -13.29 -8.69
N LEU A 147 -14.75 -12.27 -9.53
CA LEU A 147 -13.66 -11.86 -10.42
C LEU A 147 -13.22 -10.49 -9.95
N ALA A 148 -11.92 -10.22 -10.12
CA ALA A 148 -11.30 -8.94 -9.78
C ALA A 148 -10.40 -8.51 -10.93
N LEU A 149 -10.22 -7.20 -11.13
CA LEU A 149 -9.37 -6.70 -12.20
C LEU A 149 -8.77 -5.36 -11.76
N LEU A 150 -7.45 -5.20 -11.87
CA LEU A 150 -6.83 -3.89 -11.55
C LEU A 150 -6.80 -3.04 -12.84
N SER A 151 -7.45 -1.88 -12.84
CA SER A 151 -7.26 -0.89 -13.91
C SER A 151 -6.38 0.26 -13.34
N VAL A 152 -5.12 0.27 -13.74
CA VAL A 152 -4.11 1.15 -13.16
C VAL A 152 -3.46 2.07 -14.19
N THR A 153 -3.26 3.34 -13.81
CA THR A 153 -2.55 4.31 -14.67
C THR A 153 -1.14 4.59 -14.07
N THR A 154 -0.09 4.77 -14.92
CA THR A 154 1.25 5.03 -14.39
C THR A 154 1.77 6.43 -14.78
N GLY A 155 2.80 6.90 -14.08
CA GLY A 155 3.58 8.03 -14.53
C GLY A 155 4.63 7.48 -15.48
N GLY A 156 5.19 6.32 -15.19
CA GLY A 156 6.30 5.75 -16.01
C GLY A 156 5.81 5.13 -17.30
N THR A 157 6.70 4.93 -18.28
CA THR A 157 6.29 4.41 -19.60
C THR A 157 6.40 2.90 -19.59
N ALA A 158 5.76 2.25 -20.56
CA ALA A 158 5.81 0.79 -20.68
C ALA A 158 7.21 0.24 -20.72
N GLU A 159 8.11 0.90 -21.46
CA GLU A 159 9.52 0.49 -21.46
C GLU A 159 10.17 0.51 -20.06
N MET A 160 9.84 1.51 -19.24
CA MET A 160 10.38 1.56 -17.87
C MET A 160 9.97 0.34 -17.00
N TYR A 161 8.81 -0.23 -17.34
CA TYR A 161 8.24 -1.38 -16.63
C TYR A 161 8.47 -2.69 -17.34
N THR A 162 9.65 -2.84 -17.95
CA THR A 162 10.05 -4.13 -18.46
C THR A 162 11.12 -4.65 -17.50
N LYS A 163 11.49 -5.92 -17.66
CA LYS A 163 12.54 -6.52 -16.84
C LYS A 163 13.86 -5.76 -16.91
N THR A 164 14.16 -5.18 -18.08
CA THR A 164 15.40 -4.36 -18.23
C THR A 164 15.21 -2.83 -18.16
N GLY A 165 13.96 -2.41 -17.90
CA GLY A 165 13.66 -0.99 -17.69
C GLY A 165 14.03 -0.66 -16.27
N VAL A 166 14.01 0.62 -15.91
CA VAL A 166 14.52 1.08 -14.60
C VAL A 166 13.65 0.57 -13.43
N ASN A 167 12.36 0.51 -13.70
CA ASN A 167 11.36 0.09 -12.72
C ASN A 167 11.20 -1.42 -12.55
N GLY A 168 11.76 -2.23 -13.44
CA GLY A 168 11.53 -3.67 -13.38
C GLY A 168 10.16 -4.00 -14.00
N ASP A 169 9.89 -5.27 -14.19
CA ASP A 169 8.62 -5.69 -14.84
C ASP A 169 7.41 -5.18 -14.03
N SER A 170 6.33 -4.79 -14.70
CA SER A 170 5.11 -4.37 -13.97
C SER A 170 4.53 -5.51 -13.10
N ARG A 171 4.73 -6.75 -13.52
CA ARG A 171 4.23 -7.91 -12.78
C ARG A 171 4.82 -8.01 -11.39
N TYR A 172 6.00 -7.42 -11.18
CA TYR A 172 6.64 -7.48 -9.85
C TYR A 172 5.80 -6.75 -8.80
N PHE A 173 5.34 -5.55 -9.15
CA PHE A 173 4.51 -4.75 -8.24
C PHE A 173 3.06 -5.21 -8.12
N LEU A 174 2.62 -6.10 -9.01
CA LEU A 174 1.24 -6.58 -8.94
C LEU A 174 1.09 -7.62 -7.84
N TRP A 175 2.21 -8.21 -7.41
CA TRP A 175 2.14 -9.34 -6.48
C TRP A 175 1.36 -9.07 -5.19
N PRO A 176 1.69 -7.99 -4.44
CA PRO A 176 0.95 -7.92 -3.21
C PRO A 176 -0.54 -7.74 -3.47
N LEU A 177 -0.89 -7.12 -4.60
CA LEU A 177 -2.29 -6.81 -4.89
C LEU A 177 -3.01 -8.05 -5.38
N GLN A 178 -2.47 -8.64 -6.42
CA GLN A 178 -3.15 -9.71 -7.15
C GLN A 178 -3.11 -11.00 -6.33
N HIS A 179 -1.93 -11.36 -5.83
CA HIS A 179 -1.79 -12.59 -5.08
C HIS A 179 -2.03 -12.41 -3.59
N GLY A 180 -1.24 -11.52 -2.98
CA GLY A 180 -1.31 -11.31 -1.55
C GLY A 180 -2.68 -10.92 -1.05
N THR A 181 -3.47 -10.25 -1.90
CA THR A 181 -4.74 -9.73 -1.45
C THR A 181 -5.95 -10.36 -2.15
N LEU A 182 -6.01 -10.19 -3.46
CA LEU A 182 -7.19 -10.70 -4.24
C LEU A 182 -7.28 -12.24 -4.25
N HIS A 183 -6.20 -12.90 -4.63
CA HIS A 183 -6.17 -14.38 -4.65
C HIS A 183 -6.46 -14.85 -3.24
N PHE A 184 -5.80 -14.24 -2.23
CA PHE A 184 -5.88 -14.66 -0.85
C PHE A 184 -7.36 -14.68 -0.40
N CYS A 185 -8.15 -13.72 -0.85
CA CYS A 185 -9.58 -13.68 -0.53
C CYS A 185 -10.43 -14.61 -1.44
N GLY A 186 -9.80 -15.35 -2.35
CA GLY A 186 -10.53 -16.23 -3.29
C GLY A 186 -11.01 -15.66 -4.62
N PHE A 187 -10.71 -14.40 -4.94
CA PHE A 187 -11.11 -13.87 -6.23
C PHE A 187 -10.31 -14.55 -7.29
N LYS A 188 -10.91 -14.68 -8.48
CA LYS A 188 -10.10 -14.99 -9.67
C LYS A 188 -9.73 -13.66 -10.29
N VAL A 189 -8.51 -13.53 -10.82
CA VAL A 189 -7.97 -12.22 -11.19
C VAL A 189 -7.91 -12.21 -12.74
N LEU A 190 -8.56 -11.23 -13.36
CA LEU A 190 -8.44 -11.00 -14.80
C LEU A 190 -7.14 -10.22 -15.05
N ALA A 191 -6.62 -10.29 -16.28
CA ALA A 191 -5.37 -9.62 -16.63
C ALA A 191 -5.50 -8.14 -16.31
N PRO A 192 -4.45 -7.51 -15.74
CA PRO A 192 -4.62 -6.09 -15.39
C PRO A 192 -4.76 -5.21 -16.66
N GLN A 193 -5.50 -4.13 -16.55
CA GLN A 193 -5.50 -3.06 -17.52
C GLN A 193 -4.56 -1.95 -17.09
N ILE A 194 -3.39 -1.87 -17.76
CA ILE A 194 -2.43 -0.84 -17.40
C ILE A 194 -2.36 0.25 -18.47
N SER A 195 -2.74 1.47 -18.10
CA SER A 195 -2.69 2.60 -18.99
C SER A 195 -1.43 3.43 -18.68
N PHE A 196 -0.39 3.18 -19.48
CA PHE A 196 0.93 3.75 -19.26
C PHE A 196 1.04 5.24 -19.62
N ALA A 197 1.61 6.01 -18.68
CA ALA A 197 2.00 7.41 -18.90
C ALA A 197 0.99 8.35 -19.61
N PRO A 198 -0.28 8.38 -19.14
CA PRO A 198 -1.23 9.22 -19.85
C PRO A 198 -0.84 10.70 -19.89
N GLU A 199 -0.15 11.18 -18.86
CA GLU A 199 0.11 12.61 -18.71
C GLU A 199 1.03 13.11 -19.82
N ILE A 200 1.83 12.18 -20.32
CA ILE A 200 2.85 12.45 -21.31
C ILE A 200 2.32 12.25 -22.73
N ALA A 201 1.26 11.48 -22.85
CA ALA A 201 0.67 11.10 -24.13
C ALA A 201 -0.01 12.31 -24.78
N SER A 202 -0.16 12.28 -26.10
CA SER A 202 -1.02 13.27 -26.74
C SER A 202 -2.49 13.06 -26.31
N GLU A 203 -3.35 14.07 -26.52
CA GLU A 203 -4.79 13.94 -26.25
C GLU A 203 -5.36 12.78 -27.04
N GLU A 204 -4.92 12.62 -28.29
CA GLU A 204 -5.37 11.53 -29.14
C GLU A 204 -4.95 10.16 -28.63
N GLU A 205 -3.73 10.07 -28.11
CA GLU A 205 -3.24 8.83 -27.53
C GLU A 205 -4.10 8.50 -26.30
N ARG A 206 -4.34 9.50 -25.47
CA ARG A 206 -5.21 9.35 -24.31
C ARG A 206 -6.59 8.81 -24.73
N LYS A 207 -7.19 9.43 -25.73
CA LYS A 207 -8.42 8.91 -26.31
C LYS A 207 -8.38 7.48 -26.78
N GLY A 208 -7.28 7.09 -27.40
CA GLY A 208 -7.08 5.71 -27.84
C GLY A 208 -7.05 4.74 -26.66
N MET A 209 -6.48 5.16 -25.52
CA MET A 209 -6.40 4.26 -24.36
C MET A 209 -7.76 4.17 -23.67
N VAL A 210 -8.53 5.26 -23.60
CA VAL A 210 -9.92 5.11 -23.18
C VAL A 210 -10.77 4.19 -24.10
N ALA A 211 -10.69 4.37 -25.44
CA ALA A 211 -11.33 3.41 -26.41
C ALA A 211 -10.92 1.95 -26.18
N ALA A 212 -9.64 1.72 -25.89
CA ALA A 212 -9.12 0.36 -25.71
C ALA A 212 -9.75 -0.32 -24.47
N TRP A 213 -9.99 0.48 -23.43
CA TRP A 213 -10.57 0.01 -22.17
C TRP A 213 -12.03 -0.34 -22.44
N SER A 214 -12.77 0.58 -23.05
CA SER A 214 -14.14 0.31 -23.49
C SER A 214 -14.26 -0.99 -24.30
N GLN A 215 -13.44 -1.11 -25.35
CA GLN A 215 -13.42 -2.29 -26.15
C GLN A 215 -13.18 -3.55 -25.34
N ARG A 216 -12.19 -3.53 -24.45
CA ARG A 216 -11.91 -4.71 -23.64
C ARG A 216 -13.13 -5.11 -22.79
N LEU A 217 -13.80 -4.10 -22.22
CA LEU A 217 -14.94 -4.37 -21.36
C LEU A 217 -16.10 -5.01 -22.09
N GLN A 218 -16.17 -4.78 -23.40
CA GLN A 218 -17.22 -5.42 -24.23
C GLN A 218 -17.19 -6.90 -24.13
N THR A 219 -16.00 -7.47 -23.96
CA THR A 219 -15.87 -8.94 -23.88
C THR A 219 -15.32 -9.44 -22.58
N ILE A 220 -15.49 -8.66 -21.51
CA ILE A 220 -14.82 -8.98 -20.25
C ILE A 220 -15.33 -10.31 -19.71
N TRP A 221 -16.62 -10.60 -19.95
CA TRP A 221 -17.24 -11.83 -19.42
C TRP A 221 -16.78 -13.10 -20.12
N LYS A 222 -16.14 -12.93 -21.27
CA LYS A 222 -15.58 -14.01 -22.07
C LYS A 222 -14.14 -14.38 -21.66
N GLU A 223 -13.51 -13.52 -20.85
CA GLU A 223 -12.13 -13.73 -20.48
C GLU A 223 -11.91 -14.81 -19.44
N GLU A 224 -10.76 -15.47 -19.56
CA GLU A 224 -10.27 -16.37 -18.52
C GLU A 224 -9.33 -15.63 -17.56
N PRO A 225 -9.29 -16.04 -16.28
CA PRO A 225 -8.39 -15.49 -15.25
C PRO A 225 -6.93 -15.73 -15.59
N ILE A 226 -6.04 -14.87 -15.15
CA ILE A 226 -4.62 -15.23 -15.16
C ILE A 226 -4.42 -16.42 -14.21
N PRO A 227 -3.33 -17.21 -14.39
CA PRO A 227 -2.89 -18.05 -13.28
C PRO A 227 -2.09 -17.28 -12.22
N CYS A 228 -2.64 -17.10 -11.02
CA CYS A 228 -2.07 -16.15 -10.02
C CYS A 228 -0.98 -16.83 -9.15
N THR A 229 0.14 -17.10 -9.81
CA THR A 229 1.22 -17.82 -9.22
C THR A 229 2.46 -16.90 -9.10
N ALA A 230 3.49 -17.37 -8.37
CA ALA A 230 4.76 -16.67 -8.31
C ALA A 230 5.46 -16.70 -9.67
N HIS A 231 5.32 -17.81 -10.38
CA HIS A 231 5.84 -17.92 -11.74
C HIS A 231 5.29 -16.86 -12.70
N TRP A 232 3.98 -16.61 -12.68
CA TRP A 232 3.39 -15.58 -13.57
C TRP A 232 4.02 -14.24 -13.25
N HIS A 233 4.15 -13.96 -11.96
CA HIS A 233 4.58 -12.65 -11.52
C HIS A 233 6.10 -12.47 -11.72
N PHE A 234 6.88 -13.52 -11.43
CA PHE A 234 8.35 -13.42 -11.46
C PHE A 234 9.12 -14.25 -12.50
N GLY A 235 8.44 -15.14 -13.25
CA GLY A 235 8.99 -15.81 -14.46
C GLY A 235 9.35 -14.74 -15.46
N GLN A 236 10.08 -14.99 -16.55
CA GLN A 236 9.96 -16.07 -17.57
C GLN A 236 9.12 -15.46 -18.72
N ALA B 7 31.12 13.03 15.61
CA ALA B 7 29.78 13.38 15.04
C ALA B 7 28.86 12.20 15.33
N GLY B 8 27.57 12.49 15.54
CA GLY B 8 26.60 11.47 15.87
C GLY B 8 25.71 11.13 14.69
N LYS B 9 24.58 10.50 14.98
CA LYS B 9 23.62 10.10 13.95
C LYS B 9 22.19 10.40 14.37
N LYS B 10 21.38 10.84 13.42
CA LYS B 10 20.01 11.16 13.68
C LYS B 10 19.11 10.03 13.09
N VAL B 11 18.17 9.52 13.91
CA VAL B 11 17.25 8.44 13.50
C VAL B 11 15.80 8.91 13.61
N LEU B 12 15.00 8.62 12.57
CA LEU B 12 13.55 8.83 12.64
C LEU B 12 12.89 7.47 12.56
N ILE B 13 12.04 7.14 13.54
CA ILE B 13 11.23 5.93 13.52
C ILE B 13 9.80 6.32 13.13
N VAL B 14 9.35 5.80 12.01
CA VAL B 14 7.96 6.01 11.54
C VAL B 14 7.18 4.77 11.95
N TYR B 15 6.33 4.92 12.94
CA TYR B 15 5.77 3.77 13.63
C TYR B 15 4.23 3.69 13.37
N ALA B 16 3.71 2.54 13.01
CA ALA B 16 2.29 2.43 12.61
C ALA B 16 1.61 1.29 13.36
N HIS B 17 1.17 1.52 14.61
CA HIS B 17 0.41 0.48 15.33
C HIS B 17 -0.46 1.18 16.31
N GLN B 18 -1.66 0.63 16.50
CA GLN B 18 -2.66 1.32 17.31
C GLN B 18 -2.41 1.10 18.83
N GLU B 19 -1.70 0.04 19.20
CA GLU B 19 -1.65 -0.41 20.58
C GLU B 19 -0.20 -0.35 21.12
N PRO B 20 0.04 0.51 22.10
CA PRO B 20 1.36 0.63 22.80
C PRO B 20 1.87 -0.66 23.36
N LYS B 21 0.96 -1.52 23.80
CA LYS B 21 1.34 -2.82 24.40
C LYS B 21 1.56 -3.95 23.41
N SER B 22 1.45 -3.65 22.12
CA SER B 22 1.64 -4.65 21.10
C SER B 22 3.13 -5.02 20.97
N PHE B 23 3.38 -6.16 20.30
CA PHE B 23 4.70 -6.55 19.83
C PHE B 23 5.39 -5.46 19.00
N ASN B 24 4.65 -4.81 18.10
CA ASN B 24 5.20 -3.63 17.39
C ASN B 24 5.62 -2.54 18.36
N GLY B 25 4.81 -2.28 19.38
CA GLY B 25 5.14 -1.26 20.39
C GLY B 25 6.42 -1.60 21.11
N SER B 26 6.58 -2.88 21.46
CA SER B 26 7.80 -3.39 22.05
C SER B 26 9.03 -3.20 21.17
N LEU B 27 8.91 -3.48 19.88
CA LEU B 27 10.03 -3.34 18.97
C LEU B 27 10.38 -1.85 18.79
N LYS B 28 9.38 -1.00 18.77
CA LYS B 28 9.65 0.44 18.64
C LYS B 28 10.37 1.00 19.90
N ASN B 29 9.92 0.57 21.07
CA ASN B 29 10.44 1.05 22.35
C ASN B 29 11.88 0.59 22.52
N VAL B 30 12.14 -0.65 22.15
CA VAL B 30 13.47 -1.21 22.15
C VAL B 30 14.44 -0.43 21.22
N ALA B 31 13.94 0.02 20.07
CA ALA B 31 14.73 0.79 19.12
C ALA B 31 15.04 2.16 19.72
N VAL B 32 14.03 2.81 20.31
CA VAL B 32 14.27 4.06 20.99
C VAL B 32 15.36 3.88 22.09
N ASP B 33 15.15 2.95 23.01
CA ASP B 33 16.08 2.71 24.10
C ASP B 33 17.52 2.50 23.65
N GLU B 34 17.72 1.61 22.68
CA GLU B 34 19.05 1.22 22.25
C GLU B 34 19.77 2.35 21.46
N LEU B 35 19.04 2.97 20.52
CA LEU B 35 19.58 4.10 19.79
C LEU B 35 19.82 5.32 20.67
N SER B 36 18.95 5.54 21.67
CA SER B 36 19.14 6.60 22.63
C SER B 36 20.40 6.37 23.51
N ARG B 37 20.57 5.13 23.96
CA ARG B 37 21.72 4.68 24.73
C ARG B 37 23.03 4.88 23.97
N GLN B 38 23.03 4.74 22.64
CA GLN B 38 24.17 5.00 21.78
C GLN B 38 24.54 6.46 21.65
N GLY B 39 23.67 7.35 22.09
CA GLY B 39 23.93 8.75 21.87
C GLY B 39 23.28 9.31 20.62
N CYS B 40 22.50 8.48 19.93
CA CYS B 40 21.77 8.96 18.74
C CYS B 40 20.70 9.97 19.06
N THR B 41 20.50 10.91 18.11
CA THR B 41 19.34 11.73 18.13
C THR B 41 18.11 10.95 17.57
N VAL B 42 17.05 10.82 18.36
CA VAL B 42 15.93 9.94 17.98
C VAL B 42 14.62 10.69 18.01
N THR B 43 13.83 10.54 16.94
CA THR B 43 12.45 11.08 16.88
C THR B 43 11.52 9.93 16.42
N VAL B 44 10.29 9.90 16.94
CA VAL B 44 9.30 8.87 16.54
C VAL B 44 8.07 9.60 16.03
N SER B 45 7.66 9.26 14.82
CA SER B 45 6.35 9.63 14.33
C SER B 45 5.39 8.46 14.55
N ASP B 46 4.56 8.60 15.59
CA ASP B 46 3.57 7.60 15.99
C ASP B 46 2.29 8.04 15.23
N LEU B 47 2.17 7.56 14.01
CA LEU B 47 1.10 7.92 13.07
C LEU B 47 -0.30 7.79 13.64
N TYR B 48 -0.64 6.66 14.27
CA TYR B 48 -2.00 6.58 14.85
C TYR B 48 -2.23 7.60 15.99
N ALA B 49 -1.26 7.82 16.87
CA ALA B 49 -1.47 8.78 17.97
C ALA B 49 -1.52 10.21 17.41
N MET B 50 -0.91 10.43 16.25
CA MET B 50 -0.90 11.76 15.60
C MET B 50 -2.24 11.96 14.81
N ASN B 51 -3.04 10.88 14.69
CA ASN B 51 -4.17 10.82 13.76
C ASN B 51 -3.72 11.31 12.38
N PHE B 52 -2.56 10.84 11.95
CA PHE B 52 -1.98 11.28 10.72
C PHE B 52 -2.95 11.08 9.54
N GLU B 53 -3.14 12.13 8.73
CA GLU B 53 -3.96 12.12 7.48
C GLU B 53 -3.32 11.27 6.33
N PRO B 54 -3.98 10.15 5.93
CA PRO B 54 -3.43 9.36 4.84
C PRO B 54 -3.86 9.74 3.42
N ARG B 55 -4.95 10.47 3.30
CA ARG B 55 -5.54 10.75 2.00
C ARG B 55 -4.79 11.87 1.32
N ALA B 56 -4.49 11.65 0.04
CA ALA B 56 -3.86 12.65 -0.78
C ALA B 56 -4.96 13.57 -1.32
N THR B 57 -5.06 14.79 -0.78
CA THR B 57 -6.13 15.73 -1.18
C THR B 57 -5.67 17.18 -1.30
N ASP B 58 -6.58 18.00 -1.83
CA ASP B 58 -6.31 19.42 -2.13
C ASP B 58 -6.00 20.23 -0.87
N LYS B 59 -6.36 19.67 0.28
CA LYS B 59 -6.03 20.28 1.57
C LYS B 59 -4.54 20.20 1.90
N ASP B 60 -3.79 19.41 1.14
CA ASP B 60 -2.34 19.25 1.31
C ASP B 60 -1.56 20.48 0.80
N ILE B 61 -2.28 21.43 0.20
CA ILE B 61 -1.66 22.65 -0.32
C ILE B 61 -2.35 23.89 0.23
N THR B 62 -1.73 24.50 1.24
CA THR B 62 -2.10 25.84 1.66
C THR B 62 -1.43 26.91 0.79
N GLY B 63 -1.83 26.96 -0.47
CA GLY B 63 -1.77 28.20 -1.24
C GLY B 63 -2.65 28.16 -2.47
N THR B 64 -2.66 29.26 -3.22
CA THR B 64 -3.35 29.30 -4.51
C THR B 64 -3.01 27.89 -4.98
N LEU B 65 -4.13 27.11 -5.20
CA LEU B 65 -4.08 25.95 -6.07
C LEU B 65 -3.88 26.43 -7.49
N SER B 66 -2.71 26.13 -8.06
CA SER B 66 -2.33 26.65 -9.37
C SER B 66 -3.47 26.50 -10.37
N ASN B 67 -3.75 25.26 -10.76
CA ASN B 67 -4.88 24.95 -11.61
C ASN B 67 -6.02 24.31 -10.84
N PRO B 68 -6.94 25.15 -10.36
CA PRO B 68 -8.07 24.66 -9.55
C PRO B 68 -9.21 24.11 -10.39
N GLU B 69 -9.05 24.11 -11.71
CA GLU B 69 -10.08 23.55 -12.59
C GLU B 69 -9.89 22.04 -12.71
N VAL B 70 -8.69 21.62 -13.09
CA VAL B 70 -8.30 20.22 -13.11
C VAL B 70 -7.22 19.99 -12.04
N PHE B 71 -7.64 19.41 -10.92
CA PHE B 71 -6.72 19.11 -9.82
C PHE B 71 -5.84 17.90 -10.09
N ASN B 72 -4.54 18.14 -10.17
CA ASN B 72 -3.52 17.13 -10.35
C ASN B 72 -2.62 17.11 -9.10
N TYR B 73 -2.71 16.04 -8.29
CA TYR B 73 -2.07 16.01 -6.97
C TYR B 73 -0.56 16.11 -7.09
N GLY B 74 0.01 15.31 -7.96
CA GLY B 74 1.43 15.35 -8.25
C GLY B 74 1.88 16.78 -8.57
N VAL B 75 1.18 17.41 -9.49
CA VAL B 75 1.61 18.74 -9.96
C VAL B 75 1.42 19.79 -8.87
N GLU B 76 0.28 19.78 -8.21
CA GLU B 76 0.04 20.77 -7.20
C GLU B 76 1.02 20.66 -6.02
N THR B 77 1.34 19.43 -5.61
CA THR B 77 2.24 19.26 -4.46
C THR B 77 3.70 19.56 -4.82
N HIS B 78 4.09 19.23 -6.04
CA HIS B 78 5.40 19.63 -6.53
C HIS B 78 5.56 21.13 -6.38
N GLU B 79 4.64 21.89 -6.96
CA GLU B 79 4.70 23.32 -6.89
C GLU B 79 4.60 23.86 -5.47
N ALA B 80 3.73 23.26 -4.67
CA ALA B 80 3.53 23.72 -3.30
C ALA B 80 4.81 23.51 -2.52
N TYR B 81 5.52 22.42 -2.82
CA TYR B 81 6.81 22.22 -2.22
C TYR B 81 7.75 23.41 -2.52
N LYS B 82 7.82 23.83 -3.78
CA LYS B 82 8.73 24.93 -4.17
C LYS B 82 8.33 26.28 -3.56
N GLN B 83 7.03 26.51 -3.45
CA GLN B 83 6.46 27.72 -2.86
C GLN B 83 6.43 27.68 -1.33
N ARG B 84 7.02 26.65 -0.75
CA ARG B 84 6.81 26.34 0.66
C ARG B 84 5.38 26.59 1.12
N SER B 85 4.43 25.94 0.47
CA SER B 85 3.02 26.08 0.84
C SER B 85 2.34 24.72 0.97
N LEU B 86 3.06 23.74 1.47
CA LEU B 86 2.47 22.46 1.86
C LEU B 86 1.86 22.53 3.27
N ALA B 87 0.92 21.63 3.55
CA ALA B 87 0.31 21.58 4.86
C ALA B 87 1.38 21.22 5.89
N SER B 88 1.15 21.65 7.12
CA SER B 88 2.22 21.63 8.11
C SER B 88 2.49 20.23 8.63
N ASP B 89 1.48 19.34 8.58
CA ASP B 89 1.71 17.94 8.93
C ASP B 89 2.73 17.34 7.97
N ILE B 90 2.60 17.64 6.68
CA ILE B 90 3.58 17.17 5.69
C ILE B 90 4.97 17.77 5.95
N THR B 91 5.08 19.09 6.03
CA THR B 91 6.41 19.70 6.12
C THR B 91 7.08 19.38 7.45
N ASP B 92 6.31 19.21 8.51
CA ASP B 92 6.87 18.66 9.75
C ASP B 92 7.54 17.32 9.52
N GLU B 93 6.88 16.39 8.81
CA GLU B 93 7.53 15.11 8.51
C GLU B 93 8.75 15.29 7.60
N GLN B 94 8.66 16.20 6.63
CA GLN B 94 9.80 16.39 5.71
C GLN B 94 11.06 16.92 6.46
N LYS B 95 10.85 17.75 7.47
CA LYS B 95 11.96 18.24 8.34
C LYS B 95 12.64 17.04 9.02
N LYS B 96 11.82 16.15 9.56
CA LYS B 96 12.31 14.97 10.25
C LYS B 96 13.09 14.13 9.33
N VAL B 97 12.58 13.95 8.13
CA VAL B 97 13.27 13.11 7.15
C VAL B 97 14.57 13.79 6.66
N ARG B 98 14.47 15.09 6.37
CA ARG B 98 15.61 15.87 5.86
C ARG B 98 16.81 15.77 6.78
N GLU B 99 16.56 15.71 8.07
CA GLU B 99 17.62 15.68 9.10
C GLU B 99 18.12 14.28 9.50
N ALA B 100 17.36 13.24 9.16
CA ALA B 100 17.70 11.89 9.54
C ALA B 100 18.82 11.31 8.71
N ASP B 101 19.72 10.57 9.35
CA ASP B 101 20.65 9.71 8.64
C ASP B 101 20.10 8.29 8.46
N LEU B 102 19.15 7.91 9.33
CA LEU B 102 18.49 6.62 9.22
C LEU B 102 16.97 6.73 9.45
N VAL B 103 16.18 6.21 8.51
CA VAL B 103 14.73 6.12 8.73
C VAL B 103 14.38 4.62 8.98
N ILE B 104 13.78 4.33 10.11
CA ILE B 104 13.28 2.98 10.41
C ILE B 104 11.73 3.05 10.29
N PHE B 105 11.15 2.06 9.62
CA PHE B 105 9.68 1.92 9.50
C PHE B 105 9.31 0.71 10.30
N GLN B 106 8.47 0.88 11.32
CA GLN B 106 8.06 -0.22 12.18
C GLN B 106 6.55 -0.40 11.98
N PHE B 107 6.14 -1.55 11.45
CA PHE B 107 4.73 -1.74 11.08
C PHE B 107 4.40 -3.21 11.03
N PRO B 108 3.14 -3.58 11.33
CA PRO B 108 2.67 -4.92 11.00
C PRO B 108 2.31 -5.00 9.51
N LEU B 109 2.56 -6.14 8.88
CA LEU B 109 2.22 -6.32 7.48
C LEU B 109 0.69 -6.40 7.33
N TYR B 110 0.17 -5.54 6.47
CA TYR B 110 -1.23 -5.55 6.09
C TYR B 110 -1.32 -5.79 4.58
N TRP B 111 -1.84 -6.93 4.18
CA TRP B 111 -2.05 -7.23 2.78
C TRP B 111 -0.73 -7.14 2.01
N PHE B 112 0.31 -7.79 2.54
CA PHE B 112 1.64 -7.84 1.88
C PHE B 112 2.21 -6.43 1.68
N SER B 113 1.81 -5.49 2.52
CA SER B 113 2.29 -4.11 2.38
C SER B 113 2.21 -3.35 3.72
N VAL B 114 2.27 -2.03 3.69
CA VAL B 114 2.18 -1.24 4.90
C VAL B 114 0.72 -0.96 5.20
N PRO B 115 0.35 -0.74 6.49
CA PRO B 115 -0.97 -0.22 6.81
C PRO B 115 -1.20 1.10 6.09
N ALA B 116 -2.45 1.36 5.71
CA ALA B 116 -2.80 2.57 4.98
C ALA B 116 -2.31 3.89 5.58
N ILE B 117 -2.34 4.04 6.91
CA ILE B 117 -1.91 5.29 7.54
C ILE B 117 -0.44 5.54 7.14
N LEU B 118 0.33 4.47 7.09
CA LEU B 118 1.74 4.49 6.69
C LEU B 118 1.93 4.65 5.19
N LYS B 119 1.11 3.97 4.38
CA LYS B 119 1.05 4.30 2.93
C LYS B 119 0.80 5.79 2.71
N GLY B 120 -0.09 6.36 3.49
CA GLY B 120 -0.44 7.79 3.35
C GLY B 120 0.75 8.69 3.68
N TRP B 121 1.56 8.26 4.65
CA TRP B 121 2.80 8.97 4.97
C TRP B 121 3.72 8.97 3.74
N MET B 122 3.88 7.81 3.12
CA MET B 122 4.68 7.72 1.88
C MET B 122 4.14 8.62 0.79
N ASP B 123 2.82 8.60 0.55
CA ASP B 123 2.19 9.30 -0.58
C ASP B 123 2.32 10.81 -0.46
N ARG B 124 2.09 11.34 0.76
CA ARG B 124 2.04 12.75 1.00
C ARG B 124 3.41 13.38 1.40
N VAL B 125 4.30 12.62 2.05
CA VAL B 125 5.54 13.23 2.57
C VAL B 125 6.59 13.21 1.42
N LEU B 126 6.66 12.10 0.71
CA LEU B 126 7.69 11.89 -0.26
C LEU B 126 7.32 12.50 -1.59
N CYS B 127 7.13 13.82 -1.60
CA CYS B 127 6.76 14.54 -2.83
C CYS B 127 7.93 14.94 -3.77
N GLN B 128 7.57 15.22 -5.02
CA GLN B 128 8.52 15.63 -6.04
C GLN B 128 9.11 16.98 -5.63
N GLY B 129 10.40 17.15 -5.82
CA GLY B 129 11.10 18.35 -5.32
C GLY B 129 11.75 18.03 -3.99
N PHE B 130 11.00 17.31 -3.13
CA PHE B 130 11.56 16.84 -1.85
C PHE B 130 12.35 15.54 -1.90
N ALA B 131 11.72 14.46 -2.35
CA ALA B 131 12.33 13.12 -2.28
C ALA B 131 12.94 12.68 -3.61
N PHE B 132 12.47 13.29 -4.69
CA PHE B 132 12.95 12.93 -6.00
C PHE B 132 12.62 14.07 -6.96
N ASP B 133 13.24 14.00 -8.12
CA ASP B 133 12.85 14.86 -9.21
C ASP B 133 12.96 14.07 -10.50
N ILE B 134 12.42 14.63 -11.57
CA ILE B 134 12.50 14.02 -12.90
C ILE B 134 13.39 14.90 -13.80
N PRO B 135 14.66 14.54 -13.97
CA PRO B 135 15.32 13.34 -13.45
C PRO B 135 15.89 13.58 -12.04
N GLY B 136 16.36 12.51 -11.38
CA GLY B 136 16.82 12.60 -9.99
C GLY B 136 16.12 11.56 -9.12
N PHE B 137 16.24 10.30 -9.53
CA PHE B 137 15.62 9.21 -8.78
C PHE B 137 16.51 8.00 -8.89
N TYR B 138 16.07 6.92 -8.24
CA TYR B 138 16.91 5.80 -7.91
C TYR B 138 18.27 6.31 -7.38
N ASP B 139 19.37 6.01 -8.07
CA ASP B 139 20.69 6.39 -7.55
C ASP B 139 20.98 7.91 -7.57
N SER B 140 20.15 8.68 -8.26
CA SER B 140 20.18 10.14 -8.17
C SER B 140 18.99 10.70 -7.39
N GLY B 141 18.31 9.83 -6.64
CA GLY B 141 17.22 10.30 -5.76
C GLY B 141 17.66 11.34 -4.76
N LEU B 142 16.76 12.24 -4.37
CA LEU B 142 17.14 13.39 -3.55
C LEU B 142 17.44 13.08 -2.08
N LEU B 143 17.35 11.81 -1.66
CA LEU B 143 17.64 11.46 -0.28
C LEU B 143 18.84 10.54 -0.23
N GLN B 144 19.68 10.60 -1.27
CA GLN B 144 20.89 9.76 -1.28
C GLN B 144 21.73 10.12 -0.09
N GLY B 145 22.47 9.16 0.41
CA GLY B 145 23.23 9.44 1.60
C GLY B 145 22.47 9.01 2.85
N LYS B 146 21.16 8.76 2.75
CA LYS B 146 20.38 8.29 3.96
C LYS B 146 20.23 6.78 3.93
N LEU B 147 19.99 6.20 5.11
CA LEU B 147 19.73 4.77 5.19
C LEU B 147 18.27 4.57 5.56
N ALA B 148 17.71 3.43 5.19
CA ALA B 148 16.31 3.07 5.54
C ALA B 148 16.22 1.62 5.89
N LEU B 149 15.31 1.29 6.80
CA LEU B 149 15.20 -0.09 7.26
C LEU B 149 13.72 -0.39 7.54
N LEU B 150 13.18 -1.45 6.92
CA LEU B 150 11.83 -1.90 7.26
C LEU B 150 11.90 -2.89 8.41
N SER B 151 11.16 -2.65 9.47
CA SER B 151 11.07 -3.63 10.53
C SER B 151 9.60 -4.04 10.54
N VAL B 152 9.32 -5.29 10.11
CA VAL B 152 7.97 -5.72 9.76
C VAL B 152 7.60 -6.90 10.63
N THR B 153 6.36 -6.94 11.15
CA THR B 153 5.84 -8.17 11.81
C THR B 153 4.71 -8.83 10.94
N THR B 154 4.62 -10.16 10.94
CA THR B 154 3.61 -10.86 10.13
C THR B 154 2.63 -11.72 10.95
N GLY B 155 1.51 -12.12 10.32
CA GLY B 155 0.66 -13.17 10.89
C GLY B 155 1.18 -14.51 10.46
N GLY B 156 1.72 -14.57 9.24
CA GLY B 156 2.25 -15.80 8.66
C GLY B 156 3.64 -16.13 9.20
N THR B 157 3.94 -17.43 9.20
CA THR B 157 5.19 -17.94 9.70
C THR B 157 6.24 -17.85 8.60
N ALA B 158 7.49 -18.00 9.00
CA ALA B 158 8.63 -18.04 8.09
C ALA B 158 8.50 -19.02 6.93
N GLU B 159 8.04 -20.24 7.19
CA GLU B 159 7.96 -21.22 6.13
C GLU B 159 6.85 -20.92 5.12
N MET B 160 5.74 -20.37 5.59
CA MET B 160 4.69 -19.87 4.68
C MET B 160 5.28 -18.85 3.71
N TYR B 161 6.25 -18.09 4.20
CA TYR B 161 6.91 -17.08 3.40
C TYR B 161 8.22 -17.59 2.84
N THR B 162 8.15 -18.75 2.18
CA THR B 162 9.27 -19.26 1.40
C THR B 162 8.75 -19.51 0.00
N LYS B 163 9.68 -19.75 -0.92
CA LYS B 163 9.33 -19.93 -2.31
C LYS B 163 8.37 -21.10 -2.50
N THR B 164 8.59 -22.21 -1.77
CA THR B 164 7.72 -23.40 -1.84
C THR B 164 6.54 -23.34 -0.86
N GLY B 165 6.38 -22.21 -0.17
CA GLY B 165 5.25 -22.03 0.73
C GLY B 165 4.09 -21.27 0.08
N VAL B 166 2.92 -21.38 0.70
CA VAL B 166 1.66 -20.73 0.30
C VAL B 166 1.82 -19.20 -0.02
N ASN B 167 2.67 -18.48 0.70
CA ASN B 167 2.79 -17.03 0.48
C ASN B 167 3.90 -16.53 -0.44
N GLY B 168 4.79 -17.43 -0.85
CA GLY B 168 5.99 -17.08 -1.61
C GLY B 168 7.01 -16.40 -0.72
N ASP B 169 8.19 -16.13 -1.26
CA ASP B 169 9.28 -15.56 -0.46
C ASP B 169 8.86 -14.23 0.13
N SER B 170 9.20 -14.00 1.38
CA SER B 170 8.91 -12.69 1.98
C SER B 170 9.55 -11.55 1.17
N ARG B 171 10.71 -11.82 0.59
CA ARG B 171 11.36 -10.84 -0.31
C ARG B 171 10.45 -10.35 -1.44
N TYR B 172 9.57 -11.21 -1.94
CA TYR B 172 8.61 -10.79 -3.00
C TYR B 172 7.78 -9.53 -2.68
N PHE B 173 7.21 -9.44 -1.48
CA PHE B 173 6.41 -8.29 -1.18
C PHE B 173 7.26 -7.06 -0.85
N LEU B 174 8.55 -7.24 -0.60
CA LEU B 174 9.40 -6.07 -0.26
C LEU B 174 9.63 -5.10 -1.42
N TRP B 175 9.50 -5.60 -2.65
CA TRP B 175 9.95 -4.87 -3.84
C TRP B 175 9.34 -3.48 -4.01
N PRO B 176 8.01 -3.32 -3.87
CA PRO B 176 7.46 -1.97 -4.00
C PRO B 176 7.92 -0.97 -2.91
N LEU B 177 8.26 -1.50 -1.74
CA LEU B 177 8.65 -0.68 -0.62
C LEU B 177 10.14 -0.37 -0.75
N GLN B 178 10.95 -1.42 -0.83
CA GLN B 178 12.41 -1.29 -0.89
C GLN B 178 12.93 -0.66 -2.16
N HIS B 179 12.45 -1.15 -3.30
CA HIS B 179 12.91 -0.66 -4.57
C HIS B 179 12.05 0.47 -5.09
N GLY B 180 10.75 0.22 -5.18
CA GLY B 180 9.82 1.19 -5.73
C GLY B 180 9.73 2.49 -5.00
N THR B 181 9.99 2.48 -3.68
CA THR B 181 9.81 3.69 -2.89
C THR B 181 11.14 4.20 -2.36
N LEU B 182 11.79 3.35 -1.57
CA LEU B 182 12.95 3.77 -0.79
C LEU B 182 14.14 4.04 -1.73
N HIS B 183 14.54 3.03 -2.49
CA HIS B 183 15.60 3.17 -3.51
C HIS B 183 15.32 4.27 -4.50
N PHE B 184 14.05 4.40 -4.89
CA PHE B 184 13.66 5.40 -5.84
C PHE B 184 14.02 6.79 -5.37
N CYS B 185 13.78 7.06 -4.08
CA CYS B 185 14.12 8.31 -3.41
C CYS B 185 15.61 8.43 -3.00
N GLY B 186 16.40 7.40 -3.26
CA GLY B 186 17.84 7.56 -3.11
C GLY B 186 18.38 6.93 -1.85
N PHE B 187 17.49 6.37 -1.01
CA PHE B 187 17.91 5.67 0.18
C PHE B 187 18.76 4.49 -0.15
N LYS B 188 19.78 4.25 0.65
CA LYS B 188 20.35 2.92 0.74
C LYS B 188 19.61 2.08 1.76
N VAL B 189 19.36 0.83 1.39
CA VAL B 189 18.43 0.00 2.14
C VAL B 189 19.17 -1.07 2.90
N LEU B 190 18.99 -1.04 4.21
CA LEU B 190 19.49 -2.08 5.08
C LEU B 190 18.57 -3.30 5.03
N ALA B 191 19.09 -4.48 5.34
CA ALA B 191 18.29 -5.68 5.21
C ALA B 191 17.12 -5.60 6.17
N PRO B 192 15.91 -6.05 5.74
CA PRO B 192 14.73 -5.87 6.63
C PRO B 192 14.78 -6.71 7.90
N GLN B 193 14.22 -6.21 8.99
CA GLN B 193 13.96 -7.05 10.16
C GLN B 193 12.54 -7.60 10.09
N ILE B 194 12.39 -8.91 9.92
CA ILE B 194 11.05 -9.49 9.86
C ILE B 194 10.86 -10.39 11.03
N SER B 195 9.89 -10.02 11.87
CA SER B 195 9.58 -10.81 13.03
C SER B 195 8.33 -11.61 12.69
N PHE B 196 8.53 -12.89 12.44
CA PHE B 196 7.45 -13.74 11.92
C PHE B 196 6.56 -14.22 13.02
N ALA B 197 5.26 -14.05 12.80
CA ALA B 197 4.25 -14.74 13.55
C ALA B 197 4.32 -14.62 15.09
N PRO B 198 4.44 -13.37 15.62
CA PRO B 198 4.58 -13.22 17.06
C PRO B 198 3.34 -13.66 17.82
N GLU B 199 2.14 -13.50 17.24
CA GLU B 199 0.90 -13.86 17.96
C GLU B 199 0.79 -15.37 18.22
N ILE B 200 1.51 -16.15 17.41
CA ILE B 200 1.52 -17.62 17.48
C ILE B 200 2.68 -18.14 18.36
N ALA B 201 3.71 -17.30 18.54
CA ALA B 201 4.95 -17.72 19.21
C ALA B 201 4.72 -17.79 20.70
N SER B 202 5.57 -18.53 21.40
CA SER B 202 5.56 -18.55 22.86
C SER B 202 6.04 -17.21 23.42
N GLU B 203 5.78 -16.96 24.71
CA GLU B 203 6.35 -15.80 25.42
C GLU B 203 7.86 -15.67 25.21
N GLU B 204 8.57 -16.80 25.28
CA GLU B 204 10.02 -16.83 25.14
C GLU B 204 10.50 -16.55 23.72
N GLU B 205 9.80 -17.09 22.73
CA GLU B 205 10.14 -16.81 21.34
C GLU B 205 9.96 -15.32 21.06
N ARG B 206 8.91 -14.74 21.61
CA ARG B 206 8.65 -13.32 21.44
C ARG B 206 9.76 -12.48 22.07
N LYS B 207 10.17 -12.84 23.28
CA LYS B 207 11.29 -12.20 23.94
C LYS B 207 12.55 -12.27 23.09
N GLY B 208 12.86 -13.45 22.57
CA GLY B 208 14.00 -13.66 21.68
C GLY B 208 13.97 -12.80 20.44
N MET B 209 12.79 -12.63 19.83
CA MET B 209 12.67 -11.74 18.67
C MET B 209 12.96 -10.28 19.02
N VAL B 210 12.46 -9.81 20.17
CA VAL B 210 12.69 -8.43 20.64
C VAL B 210 14.18 -8.21 20.97
N ALA B 211 14.78 -9.25 21.54
CA ALA B 211 16.21 -9.28 21.90
C ALA B 211 17.07 -9.32 20.66
N ALA B 212 16.66 -10.10 19.66
CA ALA B 212 17.41 -10.15 18.41
C ALA B 212 17.46 -8.80 17.69
N TRP B 213 16.40 -8.02 17.85
CA TRP B 213 16.33 -6.70 17.27
C TRP B 213 17.20 -5.69 18.03
N SER B 214 17.12 -5.62 19.37
CA SER B 214 17.99 -4.69 20.11
C SER B 214 19.44 -5.02 19.83
N GLN B 215 19.77 -6.32 19.88
CA GLN B 215 21.11 -6.77 19.52
C GLN B 215 21.57 -6.33 18.14
N ARG B 216 20.69 -6.39 17.14
CA ARG B 216 21.06 -5.95 15.81
C ARG B 216 21.32 -4.44 15.77
N LEU B 217 20.51 -3.70 16.53
CA LEU B 217 20.63 -2.27 16.51
C LEU B 217 21.99 -1.79 17.09
N GLN B 218 22.54 -2.53 18.06
CA GLN B 218 23.88 -2.21 18.61
C GLN B 218 24.93 -1.96 17.53
N THR B 219 24.99 -2.82 16.53
CA THR B 219 25.97 -2.63 15.45
C THR B 219 25.37 -2.14 14.15
N ILE B 220 24.26 -1.39 14.23
CA ILE B 220 23.51 -1.00 13.00
C ILE B 220 24.31 -0.08 12.05
N TRP B 221 25.22 0.70 12.64
CA TRP B 221 25.94 1.71 11.88
C TRP B 221 27.08 1.10 11.07
N LYS B 222 27.35 -0.18 11.36
CA LYS B 222 28.41 -0.96 10.75
C LYS B 222 27.94 -1.84 9.61
N GLU B 223 26.61 -2.02 9.48
CA GLU B 223 26.05 -2.90 8.44
C GLU B 223 26.18 -2.28 7.05
N GLU B 224 26.39 -3.12 6.03
CA GLU B 224 26.29 -2.65 4.66
C GLU B 224 24.87 -2.81 4.14
N PRO B 225 24.39 -1.85 3.34
CA PRO B 225 23.14 -2.02 2.61
C PRO B 225 23.06 -3.26 1.71
N ILE B 226 21.85 -3.78 1.52
CA ILE B 226 21.63 -4.90 0.61
C ILE B 226 21.80 -4.37 -0.80
N PRO B 227 22.12 -5.24 -1.77
CA PRO B 227 22.01 -4.72 -3.14
C PRO B 227 20.53 -4.70 -3.49
N CYS B 228 19.95 -3.53 -3.56
CA CYS B 228 18.51 -3.41 -3.76
C CYS B 228 18.08 -3.61 -5.24
N THR B 229 18.26 -4.85 -5.73
CA THR B 229 17.96 -5.23 -7.11
C THR B 229 16.85 -6.31 -7.25
N ALA B 230 16.33 -6.44 -8.47
CA ALA B 230 15.44 -7.56 -8.82
C ALA B 230 15.97 -8.95 -8.39
N HIS B 231 17.28 -9.14 -8.47
CA HIS B 231 17.87 -10.42 -8.10
C HIS B 231 17.81 -10.67 -6.60
N TRP B 232 18.05 -9.65 -5.79
CA TRP B 232 17.96 -9.81 -4.33
C TRP B 232 16.55 -10.24 -3.96
N HIS B 233 15.57 -9.51 -4.52
CA HIS B 233 14.15 -9.76 -4.26
C HIS B 233 13.60 -11.05 -4.88
N PHE B 234 13.99 -11.35 -6.14
CA PHE B 234 13.33 -12.41 -6.93
C PHE B 234 14.09 -13.69 -7.24
N GLY B 235 15.40 -13.70 -7.00
CA GLY B 235 16.22 -14.88 -7.33
C GLY B 235 16.73 -14.81 -8.76
N GLN B 236 16.43 -15.82 -9.58
CA GLN B 236 16.87 -15.87 -10.99
C GLN B 236 18.42 -15.95 -11.13
ZN ZN C . -2.02 -15.90 -6.66
PA FAD D . 0.54 -8.54 18.84
O1A FAD D . -0.86 -9.14 18.65
O2A FAD D . 0.63 -7.27 19.63
O5B FAD D . 1.14 -9.67 19.82
C5B FAD D . 2.24 -10.52 19.75
C4B FAD D . 2.25 -11.05 21.19
O4B FAD D . 3.47 -10.69 21.83
C3B FAD D . 1.14 -10.53 22.09
O3B FAD D . 0.71 -11.56 22.97
C2B FAD D . 1.83 -9.40 22.86
O2B FAD D . 1.25 -9.07 24.09
C1B FAD D . 3.21 -9.99 23.04
N9A FAD D . 4.27 -9.00 23.29
C8A FAD D . 4.25 -7.64 23.10
N7A FAD D . 5.46 -7.16 23.46
C5A FAD D . 6.26 -8.16 23.88
C6A FAD D . 7.57 -8.25 24.36
N6A FAD D . 8.30 -7.17 24.61
N1A FAD D . 8.09 -9.47 24.70
C2A FAD D . 7.35 -10.61 24.61
N3A FAD D . 6.06 -10.53 24.14
C4A FAD D . 5.51 -9.33 23.77
N1 FAD D . -0.16 -11.04 8.13
C2 FAD D . 0.54 -11.50 7.05
O2 FAD D . 1.41 -12.32 7.17
N3 FAD D . 0.23 -11.09 5.78
C4 FAD D . -0.74 -10.21 5.51
O4 FAD D . -0.82 -9.75 4.36
C4X FAD D . -1.44 -9.69 6.58
N5 FAD D . -2.45 -8.77 6.35
C5X FAD D . -3.18 -8.27 7.41
C6 FAD D . -4.18 -7.31 7.19
C7 FAD D . -4.89 -6.78 8.27
C7M FAD D . -5.87 -5.64 8.02
C8 FAD D . -4.58 -7.17 9.59
C8M FAD D . -5.30 -6.58 10.80
C9 FAD D . -3.60 -8.13 9.80
C9A FAD D . -2.86 -8.64 8.71
N10 FAD D . -1.86 -9.57 8.95
C10 FAD D . -1.15 -10.11 7.89
C1' FAD D . -1.48 -9.92 10.36
C2' FAD D . -0.54 -8.86 11.00
O2' FAD D . 0.61 -8.69 10.21
C3' FAD D . -0.09 -9.45 12.32
O3' FAD D . -1.27 -9.72 13.05
C4' FAD D . 0.86 -8.45 13.05
O4' FAD D . 2.09 -8.33 12.33
C5' FAD D . 1.25 -8.92 14.45
O5' FAD D . 1.93 -7.82 15.11
P FAD D . 1.28 -7.25 16.43
O1P FAD D . 2.26 -6.20 16.94
O2P FAD D . -0.06 -6.60 16.19
O3P FAD D . 1.25 -8.55 17.39
C CB1 E . -2.72 -13.00 5.98
C1 CB1 E . -1.93 -14.10 6.35
C2 CB1 E . -2.02 -14.63 7.64
C4 CB1 E . -2.88 -14.10 8.56
C5 CB1 E . -3.68 -13.04 8.24
C8 CB1 E . -3.60 -12.41 6.89
N CB1 E . -1.04 -14.63 5.39
O1 CB1 E . -1.12 -14.22 4.22
O2 CB1 E . -0.18 -15.47 5.72
C3 CB1 E . -1.28 -15.82 8.12
N1 CB1 E . -0.19 -15.69 8.84
O CB1 E . -1.73 -16.94 7.88
N6 CB1 E . -4.47 -12.57 9.26
C7 CB1 E . -4.79 -12.84 10.70
C9 CB1 E . -4.86 -11.39 9.98
N3 CB1 E . -4.41 -11.34 6.49
O3 CB1 E . -5.32 -10.87 7.16
O4 CB1 E . -4.32 -10.90 5.37
ZN ZN F . 16.27 -1.28 -5.62
PA FAD G . -4.22 13.11 -15.53
O1A FAD G . -3.31 14.11 -14.82
O2A FAD G . -5.67 13.41 -15.28
O5B FAD G . -3.65 13.48 -17.00
C5B FAD G . -3.98 12.98 -18.23
C4B FAD G . -4.64 14.09 -19.04
O4B FAD G . -5.76 13.45 -19.61
C3B FAD G . -5.20 15.26 -18.26
O3B FAD G . -4.67 16.46 -18.79
C2B FAD G . -6.72 15.22 -18.48
O2B FAD G . -7.25 16.49 -18.76
C1B FAD G . -6.81 14.37 -19.72
N9A FAD G . -8.03 13.56 -19.93
C8A FAD G . -8.94 13.15 -19.02
N7A FAD G . -9.87 12.44 -19.67
C5A FAD G . -9.56 12.35 -20.99
C6A FAD G . -10.18 11.75 -22.11
N6A FAD G . -11.39 11.19 -22.03
N1A FAD G . -9.58 11.87 -23.36
C2A FAD G . -8.41 12.58 -23.50
N3A FAD G . -7.82 13.20 -22.41
C4A FAD G . -8.38 13.08 -21.17
N1 FAD G . 3.84 6.68 -11.26
C2 FAD G . 4.55 5.54 -11.42
O2 FAD G . 4.76 5.12 -12.54
N3 FAD G . 5.06 4.85 -10.32
C4 FAD G . 4.85 5.29 -9.05
O4 FAD G . 5.05 4.51 -8.12
C4X FAD G . 4.13 6.47 -8.87
N5 FAD G . 3.92 6.95 -7.63
C5X FAD G . 3.20 8.12 -7.42
C6 FAD G . 2.97 8.60 -6.11
C7 FAD G . 2.22 9.75 -5.92
C7M FAD G . 1.94 10.23 -4.51
C8 FAD G . 1.68 10.45 -7.02
C8M FAD G . 0.88 11.72 -6.84
C9 FAD G . 1.91 9.97 -8.32
C9A FAD G . 2.66 8.79 -8.50
N10 FAD G . 2.89 8.28 -9.79
C10 FAD G . 3.63 7.16 -9.97
C1' FAD G . 2.23 8.90 -10.98
C2' FAD G . 0.76 8.48 -11.16
O2' FAD G . 0.71 7.10 -11.37
C3' FAD G . 0.28 9.20 -12.41
O3' FAD G . 0.47 10.59 -12.26
C4' FAD G . -1.20 8.90 -12.72
O4' FAD G . -1.29 7.52 -12.95
C5' FAD G . -1.76 9.65 -13.91
O5' FAD G . -3.18 9.43 -14.05
P FAD G . -4.19 10.64 -13.96
O1P FAD G . -5.65 10.20 -14.04
O2P FAD G . -4.04 11.32 -12.61
O3P FAD G . -3.68 11.62 -15.13
C CB1 H . 7.50 7.27 -10.31
C1 CB1 H . 7.85 7.20 -11.66
C2 CB1 H . 7.53 8.24 -12.55
C4 CB1 H . 6.88 9.38 -12.07
C5 CB1 H . 6.54 9.50 -10.73
C8 CB1 H . 6.84 8.38 -9.80
N CB1 H . 8.48 5.98 -12.04
O1 CB1 H . 8.82 5.20 -11.14
O2 CB1 H . 8.60 5.65 -13.21
C3 CB1 H . 7.93 8.25 -14.00
N1 CB1 H . 7.07 8.27 -15.00
O CB1 H . 9.13 8.31 -14.25
N6 CB1 H . 5.86 10.62 -10.33
C7 CB1 H . 5.26 11.38 -9.26
C9 CB1 H . 4.89 11.58 -10.77
N3 CB1 H . 6.59 8.41 -8.44
O3 CB1 H . 5.90 9.27 -7.92
O4 CB1 H . 7.19 7.66 -7.69
#